data_5X6Q
#
_entry.id   5X6Q
#
_cell.length_a   68.537
_cell.length_b   45.651
_cell.length_c   76.707
_cell.angle_alpha   90.00
_cell.angle_beta   105.14
_cell.angle_gamma   90.00
#
_symmetry.space_group_name_H-M   'P 1 21 1'
#
loop_
_entity.id
_entity.type
_entity.pdbx_description
1 polymer 'Kynurenine 3-monooxygenase'
2 non-polymer 'FLAVIN-ADENINE DINUCLEOTIDE'
3 non-polymer 3,4-dimethoxy-N-[4-(3-nitrophenyl)-1,3-thiazol-2-yl]benzenesulfonamide
4 water water
#
_entity_poly.entity_id   1
_entity_poly.type   'polypeptide(L)'
_entity_poly.pdbx_seq_one_letter_code
;GSMTATDNARQVTIIGAGLAGTLVARLLARNGWQVNLFERRPDPRIETGARGRSINLALAERGAHALRLAGLEREVLAEA
VMMRGRMVHVPGTPPNLQPYGRDDSEVIWSINRDRLNRILLDGAEAAGASIHFNLGLDSVDFARQRLTLSNVSGERLEKR
FHLLIGADGCNSAVRQAMASVVDLGEHLETQPHGYKELQITPEASAQFNLEPNALHIWPHGDYMCIALPNLDRSFTVTLF
LHHQSPAAQPASPSFAQLVDGHAARRFFQRQFPDLSPMLDSLEQDFEHHPTGKLATLRLTTWHVGGQAVLLGDAAHPMVP
FHGQGMNCALEDAVALAEHLQSAADNASALAAFTAQRQPDALAIQAMALENYVEMSSKVASPTYLLERELGQIMAQRQPT
RFIPRYSMVTFSRLPYAQAMARGQIQEQLLKFAVANHSDLTSINLDAVEHEVTRCLPPLSHLS
;
_entity_poly.pdbx_strand_id   A
#
loop_
_chem_comp.id
_chem_comp.type
_chem_comp.name
_chem_comp.formula
7ZR non-polymer 3,4-dimethoxy-N-[4-(3-nitrophenyl)-1,3-thiazol-2-yl]benzenesulfonamide 'C17 H15 N3 O6 S2'
FAD non-polymer 'FLAVIN-ADENINE DINUCLEOTIDE' 'C27 H33 N9 O15 P2'
#
# COMPACT_ATOMS: atom_id res chain seq x y z
N ARG A 10 8.72 25.78 -14.81
CA ARG A 10 7.46 26.03 -14.13
C ARG A 10 6.32 25.18 -14.70
N GLN A 11 6.62 24.43 -15.77
CA GLN A 11 5.59 23.63 -16.43
C GLN A 11 5.74 22.17 -16.03
N VAL A 12 4.63 21.52 -15.71
CA VAL A 12 4.71 20.09 -15.42
C VAL A 12 3.51 19.30 -15.96
N THR A 13 3.81 18.11 -16.49
CA THR A 13 2.80 17.16 -16.93
C THR A 13 2.85 15.91 -16.05
N ILE A 14 1.71 15.53 -15.52
CA ILE A 14 1.65 14.34 -14.68
C ILE A 14 0.81 13.27 -15.34
N ILE A 15 1.35 12.06 -15.39
CA ILE A 15 0.61 10.94 -15.95
C ILE A 15 0.08 10.11 -14.79
N GLY A 16 -1.24 10.00 -14.69
CA GLY A 16 -1.87 9.16 -13.70
C GLY A 16 -2.52 9.97 -12.59
N ALA A 17 -3.85 10.04 -12.63
CA ALA A 17 -4.58 10.76 -11.59
C ALA A 17 -5.03 9.77 -10.51
N GLY A 18 -4.06 9.10 -9.88
CA GLY A 18 -4.38 8.14 -8.84
C GLY A 18 -4.19 8.86 -7.52
N LEU A 19 -3.50 8.22 -6.59
CA LEU A 19 -3.32 8.81 -5.27
C LEU A 19 -2.12 9.73 -5.27
N ALA A 20 -0.95 9.25 -5.70
CA ALA A 20 0.23 10.12 -5.73
C ALA A 20 0.12 11.26 -6.74
N GLY A 21 -0.39 10.93 -7.93
CA GLY A 21 -0.34 11.92 -9.00
C GLY A 21 -1.28 13.06 -8.72
N THR A 22 -2.42 12.75 -8.13
CA THR A 22 -3.40 13.80 -7.90
C THR A 22 -2.99 14.67 -6.71
N LEU A 23 -2.37 14.06 -5.70
CA LEU A 23 -1.90 14.84 -4.57
C LEU A 23 -0.77 15.77 -5.01
N VAL A 24 0.18 15.25 -5.78
CA VAL A 24 1.31 16.09 -6.21
C VAL A 24 0.83 17.20 -7.16
N ALA A 25 -0.17 16.93 -7.99
CA ALA A 25 -0.80 18.00 -8.80
C ALA A 25 -1.28 19.17 -7.93
N ARG A 26 -1.97 18.86 -6.84
CA ARG A 26 -2.46 19.93 -5.97
C ARG A 26 -1.34 20.71 -5.32
N LEU A 27 -0.33 20.01 -4.81
CA LEU A 27 0.77 20.67 -4.12
C LEU A 27 1.59 21.56 -5.05
N LEU A 28 1.75 21.15 -6.31
CA LEU A 28 2.53 21.94 -7.27
C LEU A 28 1.69 23.12 -7.79
N ALA A 29 0.42 22.84 -8.07
CA ALA A 29 -0.45 23.87 -8.62
C ALA A 29 -0.58 25.04 -7.66
N ARG A 30 -0.69 24.76 -6.37
CA ARG A 30 -0.82 25.87 -5.44
C ARG A 30 0.54 26.49 -5.10
N ASN A 31 1.63 25.82 -5.48
CA ASN A 31 2.97 26.41 -5.41
C ASN A 31 3.33 27.13 -6.70
N GLY A 32 2.32 27.43 -7.51
CA GLY A 32 2.51 28.23 -8.72
C GLY A 32 3.00 27.51 -9.96
N TRP A 33 2.88 26.18 -10.00
CA TRP A 33 3.23 25.48 -11.23
C TRP A 33 2.04 25.46 -12.16
N GLN A 34 2.32 25.41 -13.46
CA GLN A 34 1.29 25.11 -14.45
C GLN A 34 1.22 23.60 -14.65
N VAL A 35 0.13 23.00 -14.17
CA VAL A 35 0.02 21.55 -14.09
C VAL A 35 -1.03 21.00 -15.03
N ASN A 36 -0.63 20.03 -15.85
CA ASN A 36 -1.59 19.25 -16.60
C ASN A 36 -1.48 17.81 -16.18
N LEU A 37 -2.63 17.23 -15.85
CA LEU A 37 -2.71 15.88 -15.31
C LEU A 37 -3.54 14.99 -16.23
N PHE A 38 -2.96 13.87 -16.65
CA PHE A 38 -3.63 12.99 -17.62
C PHE A 38 -3.97 11.64 -17.01
N GLU A 39 -5.18 11.17 -17.27
CA GLU A 39 -5.68 9.92 -16.68
C GLU A 39 -6.39 9.05 -17.71
N ARG A 40 -6.09 7.75 -17.72
CA ARG A 40 -6.69 6.85 -18.71
C ARG A 40 -8.17 6.51 -18.41
N ARG A 41 -8.55 6.55 -17.13
CA ARG A 41 -9.92 6.23 -16.71
C ARG A 41 -10.82 7.45 -16.80
N PRO A 42 -12.14 7.27 -16.71
CA PRO A 42 -13.03 8.45 -16.75
C PRO A 42 -13.03 9.21 -15.42
N ASP A 43 -13.70 10.35 -15.38
CA ASP A 43 -13.80 11.18 -14.16
C ASP A 43 -14.85 10.59 -13.23
N PRO A 44 -14.42 10.12 -12.05
CA PRO A 44 -15.35 9.49 -11.11
C PRO A 44 -16.30 10.48 -10.46
N ARG A 45 -16.02 11.77 -10.65
CA ARG A 45 -16.85 12.82 -10.12
C ARG A 45 -18.11 13.08 -10.95
N ILE A 46 -18.14 12.56 -12.18
CA ILE A 46 -19.32 12.73 -13.00
C ILE A 46 -20.34 11.70 -12.58
N GLU A 47 -21.44 12.16 -12.01
CA GLU A 47 -22.43 11.27 -11.41
C GLU A 47 -23.11 10.41 -12.44
N THR A 48 -23.08 9.10 -12.23
CA THR A 48 -23.82 8.19 -13.11
C THR A 48 -24.95 7.54 -12.34
N GLY A 49 -25.67 6.65 -12.99
CA GLY A 49 -26.81 6.02 -12.36
C GLY A 49 -26.46 4.82 -11.52
N ALA A 50 -25.25 4.31 -11.70
CA ALA A 50 -24.82 3.15 -10.96
C ALA A 50 -23.34 3.25 -10.65
N ARG A 51 -23.04 3.73 -9.45
CA ARG A 51 -21.67 3.82 -8.96
C ARG A 51 -21.00 2.45 -8.97
N GLY A 52 -19.75 2.40 -9.45
CA GLY A 52 -18.99 1.17 -9.44
C GLY A 52 -18.38 0.90 -8.06
N ARG A 53 -17.85 -0.31 -7.88
CA ARG A 53 -17.22 -0.71 -6.63
C ARG A 53 -15.69 -0.56 -6.72
N SER A 54 -15.07 0.03 -5.71
CA SER A 54 -13.61 0.04 -5.62
C SER A 54 -13.17 -0.48 -4.26
N ILE A 55 -11.87 -0.73 -4.08
CA ILE A 55 -11.41 -1.29 -2.83
C ILE A 55 -11.36 -0.25 -1.72
N ASN A 56 -11.50 -0.74 -0.49
CA ASN A 56 -11.20 0.06 0.69
C ASN A 56 -9.73 -0.12 1.10
N LEU A 57 -9.06 0.98 1.43
CA LEU A 57 -7.63 0.98 1.74
C LEU A 57 -7.39 1.44 3.17
N ALA A 58 -6.37 0.88 3.82
CA ALA A 58 -6.02 1.34 5.17
C ALA A 58 -5.19 2.61 5.06
N LEU A 59 -5.69 3.70 5.61
CA LEU A 59 -4.94 4.94 5.72
C LEU A 59 -4.36 5.06 7.13
N ALA A 60 -3.04 5.17 7.21
CA ALA A 60 -2.38 5.25 8.50
C ALA A 60 -1.99 6.68 8.81
N GLU A 61 -1.43 6.89 10.00
CA GLU A 61 -1.07 8.23 10.46
C GLU A 61 -0.21 8.99 9.46
N ARG A 62 0.76 8.32 8.83
CA ARG A 62 1.66 9.01 7.92
C ARG A 62 0.96 9.43 6.62
N GLY A 63 -0.01 8.65 6.17
CA GLY A 63 -0.82 9.04 5.02
C GLY A 63 -1.76 10.19 5.35
N ALA A 64 -2.38 10.12 6.54
CA ALA A 64 -3.30 11.17 6.99
C ALA A 64 -2.56 12.49 7.11
N HIS A 65 -1.34 12.43 7.62
CA HIS A 65 -0.54 13.65 7.77
C HIS A 65 -0.15 14.25 6.42
N ALA A 66 0.06 13.43 5.41
CA ALA A 66 0.35 13.94 4.08
C ALA A 66 -0.86 14.71 3.54
N LEU A 67 -2.04 14.18 3.78
CA LEU A 67 -3.28 14.86 3.40
C LEU A 67 -3.52 16.15 4.19
N ARG A 68 -3.14 16.16 5.47
CA ARG A 68 -3.22 17.39 6.25
C ARG A 68 -2.34 18.49 5.67
N LEU A 69 -1.13 18.16 5.24
CA LEU A 69 -0.24 19.15 4.64
C LEU A 69 -0.84 19.72 3.35
N ALA A 70 -1.67 18.92 2.69
CA ALA A 70 -2.37 19.36 1.48
C ALA A 70 -3.67 20.12 1.78
N GLY A 71 -4.07 20.17 3.04
CA GLY A 71 -5.32 20.81 3.41
C GLY A 71 -6.58 20.03 3.03
N LEU A 72 -6.44 18.71 2.96
CA LEU A 72 -7.56 17.86 2.57
C LEU A 72 -7.91 16.77 3.59
N GLU A 73 -7.23 16.74 4.72
CA GLU A 73 -7.45 15.66 5.69
C GLU A 73 -8.89 15.57 6.20
N ARG A 74 -9.49 16.70 6.54
CA ARG A 74 -10.84 16.69 7.11
C ARG A 74 -11.87 16.15 6.11
N GLU A 75 -11.71 16.55 4.85
CA GLU A 75 -12.53 16.08 3.75
C GLU A 75 -12.50 14.55 3.67
N VAL A 76 -11.29 14.01 3.69
CA VAL A 76 -11.11 12.56 3.58
C VAL A 76 -11.60 11.81 4.81
N LEU A 77 -11.25 12.32 5.99
CA LEU A 77 -11.68 11.71 7.24
C LEU A 77 -13.21 11.61 7.36
N ALA A 78 -13.92 12.60 6.82
CA ALA A 78 -15.38 12.59 6.83
C ALA A 78 -15.99 11.33 6.20
N GLU A 79 -15.26 10.72 5.26
CA GLU A 79 -15.77 9.58 4.54
C GLU A 79 -14.99 8.31 4.90
N ALA A 80 -14.13 8.41 5.91
CA ALA A 80 -13.29 7.27 6.33
C ALA A 80 -13.89 6.56 7.55
N VAL A 81 -13.84 5.23 7.55
CA VAL A 81 -14.35 4.45 8.67
C VAL A 81 -13.25 4.22 9.70
N MET A 82 -13.51 4.59 10.96
CA MET A 82 -12.51 4.35 12.00
C MET A 82 -12.37 2.85 12.24
N MET A 83 -11.13 2.36 12.20
CA MET A 83 -10.86 0.97 12.63
C MET A 83 -10.09 1.00 13.96
N ARG A 84 -10.73 0.52 15.02
CA ARG A 84 -10.20 0.64 16.38
C ARG A 84 -9.27 -0.49 16.72
N GLY A 85 -9.33 -1.54 15.91
CA GLY A 85 -8.56 -2.74 16.17
C GLY A 85 -8.81 -3.79 15.12
N ARG A 86 -8.33 -5.00 15.38
CA ARG A 86 -8.48 -6.10 14.44
C ARG A 86 -9.39 -7.14 15.01
N MET A 87 -10.20 -7.74 14.16
CA MET A 87 -10.98 -8.85 14.60
C MET A 87 -10.55 -10.08 13.83
N VAL A 88 -9.96 -11.01 14.57
CA VAL A 88 -9.53 -12.28 14.01
C VAL A 88 -10.67 -13.29 14.09
N HIS A 89 -10.95 -13.93 12.95
CA HIS A 89 -11.98 -14.95 12.84
C HIS A 89 -11.33 -16.32 12.64
N VAL A 90 -11.39 -17.18 13.66
CA VAL A 90 -10.95 -18.56 13.51
C VAL A 90 -11.98 -19.48 14.15
N PRO A 91 -12.12 -20.71 13.61
CA PRO A 91 -13.22 -21.56 14.09
C PRO A 91 -13.06 -21.89 15.57
N GLY A 92 -14.17 -21.95 16.29
CA GLY A 92 -14.18 -22.40 17.67
C GLY A 92 -14.20 -21.27 18.69
N THR A 93 -14.10 -20.03 18.20
CA THR A 93 -14.15 -18.83 19.03
C THR A 93 -14.98 -17.78 18.33
N PRO A 94 -15.79 -17.03 19.10
CA PRO A 94 -16.31 -15.80 18.49
C PRO A 94 -15.20 -14.77 18.41
N PRO A 95 -15.11 -14.04 17.29
CA PRO A 95 -14.06 -13.01 17.21
C PRO A 95 -14.29 -11.93 18.27
N ASN A 96 -13.24 -11.46 18.95
CA ASN A 96 -13.41 -10.28 19.78
C ASN A 96 -12.37 -9.22 19.38
N LEU A 97 -12.71 -7.95 19.53
CA LEU A 97 -11.82 -6.90 19.08
C LEU A 97 -10.47 -6.91 19.78
N GLN A 98 -9.39 -7.01 19.00
CA GLN A 98 -8.03 -6.81 19.47
C GLN A 98 -7.60 -5.34 19.24
N PRO A 99 -7.70 -4.49 20.27
CA PRO A 99 -7.53 -3.03 20.11
C PRO A 99 -6.13 -2.62 19.66
N TYR A 100 -6.06 -1.54 18.87
CA TYR A 100 -4.79 -1.02 18.39
C TYR A 100 -4.05 -0.27 19.49
N GLU A 106 -5.07 5.35 19.19
CA GLU A 106 -4.46 5.07 17.90
C GLU A 106 -5.34 4.20 17.02
N VAL A 107 -5.49 4.63 15.77
CA VAL A 107 -6.42 4.01 14.84
C VAL A 107 -5.85 3.92 13.43
N ILE A 108 -6.49 3.09 12.62
CA ILE A 108 -6.25 3.03 11.18
C ILE A 108 -7.56 3.40 10.50
N TRP A 109 -7.53 4.27 9.50
CA TRP A 109 -8.75 4.69 8.82
C TRP A 109 -8.97 3.85 7.61
N SER A 110 -10.20 3.39 7.38
CA SER A 110 -10.49 2.69 6.12
C SER A 110 -11.15 3.66 5.15
N ILE A 111 -10.49 3.90 4.02
CA ILE A 111 -11.00 4.87 3.04
C ILE A 111 -11.34 4.18 1.73
N ASN A 112 -12.44 4.58 1.10
CA ASN A 112 -12.76 4.01 -0.19
C ASN A 112 -11.96 4.67 -1.28
N ARG A 113 -11.37 3.88 -2.17
CA ARG A 113 -10.44 4.40 -3.16
C ARG A 113 -11.07 5.49 -4.01
N ASP A 114 -12.25 5.22 -4.52
CA ASP A 114 -12.90 6.19 -5.42
C ASP A 114 -13.37 7.42 -4.63
N ARG A 115 -13.81 7.23 -3.38
CA ARG A 115 -14.17 8.38 -2.56
C ARG A 115 -12.97 9.30 -2.38
N LEU A 116 -11.82 8.70 -2.07
CA LEU A 116 -10.61 9.47 -1.86
C LEU A 116 -10.19 10.18 -3.15
N ASN A 117 -10.24 9.43 -4.25
CA ASN A 117 -9.82 9.98 -5.53
C ASN A 117 -10.66 11.22 -5.93
N ARG A 118 -11.96 11.16 -5.70
CA ARG A 118 -12.82 12.29 -6.02
C ARG A 118 -12.40 13.54 -5.24
N ILE A 119 -12.07 13.33 -3.97
CA ILE A 119 -11.65 14.42 -3.09
C ILE A 119 -10.33 15.02 -3.55
N LEU A 120 -9.38 14.15 -3.89
CA LEU A 120 -8.09 14.60 -4.40
C LEU A 120 -8.27 15.39 -5.71
N LEU A 121 -9.12 14.88 -6.60
CA LEU A 121 -9.35 15.55 -7.88
C LEU A 121 -9.90 16.95 -7.70
N ASP A 122 -10.90 17.08 -6.83
CA ASP A 122 -11.47 18.39 -6.51
C ASP A 122 -10.41 19.31 -5.93
N GLY A 123 -9.56 18.75 -5.06
CA GLY A 123 -8.46 19.52 -4.50
C GLY A 123 -7.46 20.01 -5.53
N ALA A 124 -7.10 19.13 -6.48
CA ALA A 124 -6.16 19.51 -7.52
C ALA A 124 -6.75 20.61 -8.39
N GLU A 125 -8.01 20.44 -8.79
CA GLU A 125 -8.66 21.41 -9.66
C GLU A 125 -8.84 22.75 -8.94
N ALA A 126 -9.20 22.69 -7.66
CA ALA A 126 -9.36 23.93 -6.88
C ALA A 126 -8.05 24.68 -6.83
N ALA A 127 -6.93 23.95 -6.89
CA ALA A 127 -5.62 24.58 -6.81
C ALA A 127 -5.16 25.12 -8.15
N GLY A 128 -5.84 24.74 -9.22
CA GLY A 128 -5.52 25.26 -10.54
C GLY A 128 -4.96 24.27 -11.54
N ALA A 129 -4.88 23.00 -11.18
CA ALA A 129 -4.43 22.01 -12.15
C ALA A 129 -5.50 21.74 -13.20
N SER A 130 -5.08 21.49 -14.43
CA SER A 130 -5.99 21.03 -15.48
C SER A 130 -5.93 19.50 -15.59
N ILE A 131 -7.08 18.86 -15.46
CA ILE A 131 -7.11 17.39 -15.50
C ILE A 131 -7.83 16.89 -16.76
N HIS A 132 -7.25 15.88 -17.41
CA HIS A 132 -7.79 15.35 -18.66
C HIS A 132 -8.00 13.86 -18.51
N PHE A 133 -9.24 13.41 -18.69
CA PHE A 133 -9.56 12.01 -18.45
C PHE A 133 -9.72 11.21 -19.76
N ASN A 134 -9.84 9.88 -19.63
CA ASN A 134 -10.02 8.97 -20.76
C ASN A 134 -8.89 9.13 -21.76
N LEU A 135 -7.69 9.37 -21.24
CA LEU A 135 -6.52 9.58 -22.07
C LEU A 135 -5.37 8.78 -21.51
N GLY A 136 -4.91 7.79 -22.27
CA GLY A 136 -3.80 6.96 -21.82
C GLY A 136 -2.50 7.34 -22.46
N LEU A 137 -1.44 7.38 -21.67
CA LEU A 137 -0.09 7.57 -22.22
C LEU A 137 0.35 6.30 -22.94
N ASP A 138 0.72 6.44 -24.21
CA ASP A 138 1.13 5.31 -25.05
C ASP A 138 2.65 5.28 -25.32
N SER A 139 3.24 6.46 -25.52
CA SER A 139 4.68 6.51 -25.77
C SER A 139 5.27 7.86 -25.36
N VAL A 140 6.56 7.88 -25.10
CA VAL A 140 7.28 9.12 -24.82
C VAL A 140 8.51 9.24 -25.74
N ASP A 141 8.72 10.43 -26.31
CA ASP A 141 9.94 10.74 -27.06
C ASP A 141 10.75 11.77 -26.29
N PHE A 142 11.74 11.33 -25.53
CA PHE A 142 12.47 12.26 -24.68
C PHE A 142 13.32 13.24 -25.48
N ALA A 143 13.95 12.75 -26.54
CA ALA A 143 14.82 13.58 -27.37
C ALA A 143 14.04 14.77 -27.92
N ARG A 144 12.81 14.52 -28.36
CA ARG A 144 11.97 15.52 -28.99
C ARG A 144 10.96 16.14 -28.02
N GLN A 145 11.16 15.87 -26.72
CA GLN A 145 10.18 16.06 -25.63
C GLN A 145 8.73 16.18 -26.05
N ARG A 146 8.23 15.13 -26.67
CA ARG A 146 6.81 15.03 -26.97
C ARG A 146 6.32 13.70 -26.44
N LEU A 147 5.06 13.64 -26.08
CA LEU A 147 4.51 12.36 -25.70
C LEU A 147 3.21 12.21 -26.44
N THR A 148 2.72 10.99 -26.55
CA THR A 148 1.50 10.74 -27.28
C THR A 148 0.45 10.06 -26.39
N LEU A 149 -0.74 10.65 -26.35
CA LEU A 149 -1.87 10.11 -25.62
C LEU A 149 -2.87 9.47 -26.57
N SER A 150 -3.52 8.39 -26.13
CA SER A 150 -4.53 7.77 -26.98
C SER A 150 -5.87 7.64 -26.26
N ASN A 151 -6.95 7.82 -27.01
CA ASN A 151 -8.27 7.48 -26.51
C ASN A 151 -8.96 6.44 -27.41
N VAL A 152 -10.10 5.95 -26.94
CA VAL A 152 -10.84 4.91 -27.65
C VAL A 152 -11.41 5.42 -28.98
N SER A 153 -11.51 6.74 -29.14
CA SER A 153 -11.97 7.34 -30.40
C SER A 153 -10.88 7.34 -31.47
N GLY A 154 -9.73 6.78 -31.15
CA GLY A 154 -8.68 6.61 -32.12
C GLY A 154 -7.81 7.83 -32.27
N GLU A 155 -8.13 8.87 -31.51
CA GLU A 155 -7.28 10.05 -31.52
C GLU A 155 -5.93 9.72 -30.87
N ARG A 156 -4.87 10.17 -31.53
CA ARG A 156 -3.52 10.03 -31.04
C ARG A 156 -3.01 11.45 -30.86
N LEU A 157 -2.89 11.83 -29.61
CA LEU A 157 -2.68 13.20 -29.25
C LEU A 157 -1.21 13.41 -28.87
N GLU A 158 -0.49 14.16 -29.69
CA GLU A 158 0.90 14.43 -29.43
C GLU A 158 1.00 15.75 -28.65
N LYS A 159 1.71 15.70 -27.53
CA LYS A 159 1.75 16.83 -26.62
C LYS A 159 3.19 17.14 -26.22
N ARG A 160 3.51 18.42 -26.10
CA ARG A 160 4.83 18.87 -25.66
C ARG A 160 4.92 18.85 -24.12
N PHE A 161 6.10 18.52 -23.57
CA PHE A 161 6.27 18.58 -22.11
C PHE A 161 7.65 19.05 -21.70
N HIS A 162 7.72 19.70 -20.54
CA HIS A 162 9.00 20.08 -19.93
C HIS A 162 9.42 19.08 -18.85
N LEU A 163 8.65 19.02 -17.77
CA LEU A 163 8.85 18.03 -16.72
C LEU A 163 7.70 17.03 -16.73
N LEU A 164 8.05 15.74 -16.71
CA LEU A 164 7.09 14.65 -16.77
C LEU A 164 7.13 13.83 -15.47
N ILE A 165 6.02 13.77 -14.75
CA ILE A 165 5.97 12.97 -13.51
C ILE A 165 5.17 11.71 -13.82
N GLY A 166 5.81 10.55 -13.67
CA GLY A 166 5.15 9.28 -13.87
C GLY A 166 4.50 8.84 -12.56
N ALA A 167 3.19 9.06 -12.45
CA ALA A 167 2.45 8.60 -11.28
C ALA A 167 1.42 7.58 -11.74
N ASP A 168 1.84 6.70 -12.65
CA ASP A 168 0.87 5.91 -13.36
C ASP A 168 0.86 4.44 -12.92
N GLY A 169 1.27 4.17 -11.68
CA GLY A 169 0.94 2.90 -11.02
C GLY A 169 1.97 1.80 -11.29
N CYS A 170 1.70 0.59 -10.81
CA CYS A 170 2.74 -0.43 -10.79
C CYS A 170 3.14 -0.90 -12.21
N ASN A 171 2.29 -0.67 -13.21
CA ASN A 171 2.59 -0.96 -14.63
C ASN A 171 2.97 0.27 -15.45
N SER A 172 3.67 1.20 -14.83
CA SER A 172 3.93 2.53 -15.39
C SER A 172 4.37 2.60 -16.85
N ALA A 173 3.57 3.27 -17.68
CA ALA A 173 3.96 3.57 -19.06
C ALA A 173 5.12 4.55 -19.10
N VAL A 174 5.18 5.47 -18.14
CA VAL A 174 6.31 6.40 -18.06
C VAL A 174 7.61 5.64 -17.75
N ARG A 175 7.55 4.72 -16.80
CA ARG A 175 8.73 3.93 -16.46
C ARG A 175 9.25 3.17 -17.68
N GLN A 176 8.32 2.62 -18.45
CA GLN A 176 8.70 1.80 -19.59
C GLN A 176 9.37 2.69 -20.64
N ALA A 177 8.81 3.88 -20.83
CA ALA A 177 9.37 4.83 -21.77
C ALA A 177 10.79 5.23 -21.36
N MET A 178 11.02 5.41 -20.06
CA MET A 178 12.31 5.88 -19.56
C MET A 178 13.45 4.93 -19.92
N ALA A 179 13.14 3.64 -20.07
CA ALA A 179 14.16 2.65 -20.46
C ALA A 179 14.85 3.02 -21.77
N SER A 180 14.12 3.64 -22.69
CA SER A 180 14.69 3.96 -23.99
C SER A 180 15.87 4.94 -23.89
N VAL A 181 15.95 5.65 -22.76
CA VAL A 181 16.91 6.73 -22.63
C VAL A 181 17.82 6.57 -21.40
N VAL A 182 17.47 5.66 -20.50
CA VAL A 182 18.28 5.44 -19.30
C VAL A 182 18.08 4.02 -18.75
N ASP A 183 19.15 3.47 -18.20
CA ASP A 183 19.09 2.15 -17.56
C ASP A 183 18.58 2.26 -16.12
N LEU A 184 17.36 1.80 -15.91
CA LEU A 184 16.70 1.94 -14.61
C LEU A 184 17.15 0.91 -13.56
N GLY A 185 17.98 -0.03 -13.98
CA GLY A 185 18.49 -1.06 -13.11
C GLY A 185 17.40 -1.91 -12.45
N GLU A 186 16.33 -2.17 -13.20
CA GLU A 186 15.18 -2.90 -12.65
C GLU A 186 15.49 -4.34 -12.28
N HIS A 187 14.91 -4.78 -11.17
CA HIS A 187 14.88 -6.20 -10.81
C HIS A 187 13.49 -6.49 -10.27
N LEU A 188 12.75 -7.32 -11.00
CA LEU A 188 11.42 -7.75 -10.55
C LEU A 188 11.49 -9.10 -9.82
N GLU A 189 11.03 -9.11 -8.57
CA GLU A 189 10.94 -10.31 -7.75
C GLU A 189 9.47 -10.72 -7.54
N THR A 190 9.06 -11.84 -8.11
CA THR A 190 7.66 -12.25 -8.00
C THR A 190 7.46 -13.16 -6.80
N GLN A 191 6.21 -13.26 -6.33
CA GLN A 191 5.89 -14.17 -5.23
C GLN A 191 4.86 -15.21 -5.67
N PRO A 192 4.76 -16.34 -4.94
CA PRO A 192 3.88 -17.41 -5.44
C PRO A 192 2.40 -17.22 -5.10
N HIS A 193 2.06 -16.24 -4.25
CA HIS A 193 0.66 -15.95 -3.97
C HIS A 193 0.06 -14.95 -4.94
N GLY A 194 -1.19 -15.17 -5.32
CA GLY A 194 -1.94 -14.17 -6.06
C GLY A 194 -3.01 -13.62 -5.13
N TYR A 195 -3.85 -12.74 -5.63
CA TYR A 195 -4.96 -12.28 -4.80
C TYR A 195 -6.21 -12.15 -5.64
N LYS A 196 -7.35 -12.13 -4.98
CA LYS A 196 -8.63 -11.98 -5.64
C LYS A 196 -9.46 -11.04 -4.80
N GLU A 197 -10.05 -10.01 -5.43
CA GLU A 197 -10.91 -9.09 -4.68
C GLU A 197 -12.38 -9.56 -4.70
N LEU A 198 -13.03 -9.49 -3.54
CA LEU A 198 -14.39 -9.95 -3.38
C LEU A 198 -15.15 -8.91 -2.54
N GLN A 199 -16.46 -9.11 -2.32
CA GLN A 199 -17.30 -8.03 -1.76
C GLN A 199 -18.37 -8.68 -0.83
N ILE A 200 -18.50 -8.09 0.36
CA ILE A 200 -19.59 -8.41 1.27
C ILE A 200 -20.56 -7.23 1.16
N THR A 201 -21.83 -7.49 0.88
CA THR A 201 -22.81 -6.42 0.74
C THR A 201 -23.23 -5.89 2.11
N PRO A 202 -23.89 -4.71 2.14
CA PRO A 202 -24.35 -4.20 3.44
C PRO A 202 -25.36 -5.12 4.13
N GLU A 203 -26.26 -5.76 3.38
CA GLU A 203 -27.27 -6.64 3.99
C GLU A 203 -26.62 -7.81 4.67
N ALA A 204 -25.66 -8.42 3.97
CA ALA A 204 -24.97 -9.59 4.47
C ALA A 204 -24.15 -9.27 5.72
N SER A 205 -23.46 -8.14 5.72
CA SER A 205 -22.64 -7.80 6.87
C SER A 205 -23.52 -7.54 8.07
N ALA A 206 -24.65 -6.87 7.84
CA ALA A 206 -25.57 -6.60 8.94
C ALA A 206 -26.22 -7.89 9.43
N GLN A 207 -26.57 -8.80 8.51
CA GLN A 207 -27.20 -10.07 8.89
C GLN A 207 -26.29 -10.92 9.77
N PHE A 208 -24.98 -10.84 9.56
CA PHE A 208 -24.04 -11.64 10.33
C PHE A 208 -23.30 -10.82 11.37
N ASN A 209 -23.76 -9.58 11.57
CA ASN A 209 -23.23 -8.72 12.61
C ASN A 209 -21.73 -8.54 12.51
N LEU A 210 -21.25 -8.29 11.30
CA LEU A 210 -19.85 -7.99 11.08
C LEU A 210 -19.60 -6.55 11.56
N GLU A 211 -18.66 -6.38 12.49
CA GLU A 211 -18.34 -5.08 13.08
C GLU A 211 -17.78 -4.09 12.07
N PRO A 212 -18.48 -2.97 11.85
CA PRO A 212 -17.99 -2.03 10.85
C PRO A 212 -16.70 -1.33 11.25
N ASN A 213 -16.47 -1.12 12.53
CA ASN A 213 -15.37 -0.28 12.96
C ASN A 213 -14.15 -1.09 13.37
N ALA A 214 -13.77 -2.00 12.49
CA ALA A 214 -12.63 -2.86 12.73
C ALA A 214 -12.10 -3.35 11.39
N LEU A 215 -10.85 -3.77 11.41
CA LEU A 215 -10.23 -4.50 10.31
C LEU A 215 -10.43 -5.99 10.59
N HIS A 216 -10.90 -6.76 9.60
CA HIS A 216 -11.17 -8.18 9.83
C HIS A 216 -10.21 -9.10 9.12
N ILE A 217 -9.79 -10.17 9.81
CA ILE A 217 -8.85 -11.12 9.24
C ILE A 217 -9.33 -12.57 9.44
N TRP A 218 -9.19 -13.37 8.39
CA TRP A 218 -9.44 -14.80 8.45
C TRP A 218 -8.12 -15.53 8.15
N PRO A 219 -7.32 -15.79 9.18
CA PRO A 219 -6.04 -16.46 8.92
C PRO A 219 -6.24 -17.94 8.61
N HIS A 220 -5.44 -18.50 7.71
CA HIS A 220 -5.56 -19.93 7.41
C HIS A 220 -4.24 -20.54 6.95
N GLY A 221 -3.17 -20.25 7.68
CA GLY A 221 -1.86 -20.79 7.34
C GLY A 221 -1.27 -20.19 6.08
N ASP A 222 -1.29 -20.96 4.98
CA ASP A 222 -0.71 -20.53 3.71
C ASP A 222 -1.61 -19.65 2.85
N TYR A 223 -2.83 -19.41 3.31
CA TYR A 223 -3.73 -18.50 2.60
C TYR A 223 -4.59 -17.80 3.64
N MET A 224 -5.26 -16.73 3.23
CA MET A 224 -5.94 -15.90 4.23
C MET A 224 -6.86 -14.92 3.52
N CYS A 225 -7.81 -14.39 4.27
CA CYS A 225 -8.66 -13.29 3.78
C CYS A 225 -8.57 -12.11 4.73
N ILE A 226 -8.65 -10.91 4.16
CA ILE A 226 -8.68 -9.68 4.95
C ILE A 226 -9.84 -8.83 4.43
N ALA A 227 -10.55 -8.13 5.30
CA ALA A 227 -11.70 -7.33 4.84
C ALA A 227 -11.67 -5.96 5.49
N LEU A 228 -11.91 -4.92 4.68
CA LEU A 228 -11.94 -3.55 5.18
C LEU A 228 -13.31 -2.93 4.91
N PRO A 229 -13.79 -2.10 5.86
CA PRO A 229 -15.16 -1.57 5.77
C PRO A 229 -15.33 -0.33 4.92
N ASN A 230 -16.57 -0.11 4.48
CA ASN A 230 -16.98 1.10 3.79
C ASN A 230 -18.08 1.78 4.63
N LEU A 231 -18.26 3.08 4.44
CA LEU A 231 -19.29 3.79 5.22
C LEU A 231 -20.71 3.25 4.96
N ASP A 232 -20.92 2.53 3.86
CA ASP A 232 -22.24 1.94 3.62
C ASP A 232 -22.39 0.52 4.19
N ARG A 233 -21.42 0.10 5.00
CA ARG A 233 -21.39 -1.19 5.72
C ARG A 233 -21.04 -2.36 4.79
N SER A 234 -20.67 -2.06 3.55
CA SER A 234 -20.10 -3.11 2.71
C SER A 234 -18.65 -3.28 3.11
N PHE A 235 -18.05 -4.38 2.68
CA PHE A 235 -16.67 -4.68 3.01
C PHE A 235 -16.00 -5.17 1.73
N THR A 236 -14.77 -4.78 1.49
CA THR A 236 -14.03 -5.38 0.40
C THR A 236 -13.13 -6.42 1.04
N VAL A 237 -13.12 -7.60 0.44
CA VAL A 237 -12.42 -8.77 0.95
C VAL A 237 -11.32 -9.12 -0.04
N THR A 238 -10.14 -9.42 0.47
CA THR A 238 -9.06 -9.87 -0.41
C THR A 238 -8.66 -11.27 0.03
N LEU A 239 -8.67 -12.19 -0.92
CA LEU A 239 -8.16 -13.55 -0.72
C LEU A 239 -6.72 -13.64 -1.23
N PHE A 240 -5.82 -14.07 -0.38
CA PHE A 240 -4.45 -14.32 -0.76
C PHE A 240 -4.25 -15.83 -0.82
N LEU A 241 -3.80 -16.35 -1.97
CA LEU A 241 -3.74 -17.79 -2.18
C LEU A 241 -2.66 -18.11 -3.23
N HIS A 242 -1.93 -19.20 -3.02
CA HIS A 242 -0.97 -19.67 -4.04
C HIS A 242 -1.60 -19.71 -5.42
N HIS A 243 -0.86 -19.29 -6.43
CA HIS A 243 -1.30 -19.42 -7.81
C HIS A 243 -1.46 -20.89 -8.19
N GLN A 244 -0.45 -21.68 -7.81
CA GLN A 244 -0.38 -23.09 -8.18
C GLN A 244 -0.04 -23.89 -6.95
N SER A 245 -0.45 -25.15 -6.93
CA SER A 245 -0.10 -26.04 -5.83
C SER A 245 1.33 -26.49 -5.99
N PRO A 246 2.11 -26.45 -4.90
CA PRO A 246 3.50 -26.92 -4.86
C PRO A 246 3.64 -28.33 -5.44
N ALA A 247 4.75 -28.59 -6.11
CA ALA A 247 4.99 -29.88 -6.73
C ALA A 247 4.86 -31.03 -5.73
N ALA A 248 5.41 -30.84 -4.54
CA ALA A 248 5.44 -31.89 -3.53
C ALA A 248 4.21 -31.90 -2.62
N GLN A 249 3.40 -30.85 -2.72
CA GLN A 249 2.13 -30.78 -1.98
C GLN A 249 1.02 -30.48 -2.98
N PRO A 250 0.69 -31.48 -3.82
CA PRO A 250 -0.07 -31.26 -5.06
C PRO A 250 -1.57 -31.06 -4.86
N ALA A 251 -2.11 -31.44 -3.70
CA ALA A 251 -3.55 -31.29 -3.46
C ALA A 251 -3.89 -30.03 -2.66
N SER A 252 -2.88 -29.28 -2.23
CA SER A 252 -3.12 -28.09 -1.42
C SER A 252 -3.84 -27.03 -2.26
N PRO A 253 -4.67 -26.21 -1.60
CA PRO A 253 -5.49 -25.23 -2.32
C PRO A 253 -4.65 -24.21 -3.08
N SER A 254 -5.14 -23.81 -4.25
CA SER A 254 -4.49 -22.83 -5.10
C SER A 254 -5.47 -22.32 -6.14
N PHE A 255 -5.21 -21.16 -6.73
CA PHE A 255 -6.12 -20.64 -7.75
C PHE A 255 -6.26 -21.61 -8.93
N ALA A 256 -5.20 -22.37 -9.19
CA ALA A 256 -5.22 -23.42 -10.23
C ALA A 256 -6.35 -24.44 -10.04
N GLN A 257 -6.65 -24.82 -8.80
CA GLN A 257 -7.76 -25.72 -8.53
C GLN A 257 -9.13 -25.03 -8.70
N LEU A 258 -9.19 -23.73 -8.42
CA LEU A 258 -10.47 -23.03 -8.39
C LEU A 258 -10.84 -22.64 -9.81
N VAL A 259 -11.23 -23.64 -10.60
CA VAL A 259 -11.38 -23.48 -12.05
C VAL A 259 -12.58 -22.63 -12.42
N ASP A 260 -13.54 -22.53 -11.51
CA ASP A 260 -14.69 -21.67 -11.73
C ASP A 260 -15.32 -21.22 -10.40
N GLY A 261 -16.46 -20.55 -10.51
CA GLY A 261 -17.12 -19.98 -9.36
C GLY A 261 -17.63 -21.05 -8.40
N HIS A 262 -18.10 -22.16 -8.95
CA HIS A 262 -18.59 -23.24 -8.09
C HIS A 262 -17.45 -23.84 -7.29
N ALA A 263 -16.29 -24.02 -7.91
CA ALA A 263 -15.14 -24.51 -7.17
C ALA A 263 -14.78 -23.53 -6.05
N ALA A 264 -14.80 -22.24 -6.38
CA ALA A 264 -14.52 -21.21 -5.37
C ALA A 264 -15.48 -21.32 -4.20
N ARG A 265 -16.78 -21.47 -4.51
CA ARG A 265 -17.77 -21.58 -3.46
C ARG A 265 -17.48 -22.78 -2.57
N ARG A 266 -17.14 -23.91 -3.17
CA ARG A 266 -16.88 -25.10 -2.34
C ARG A 266 -15.66 -24.90 -1.44
N PHE A 267 -14.67 -24.18 -1.95
CA PHE A 267 -13.45 -23.86 -1.21
C PHE A 267 -13.75 -22.96 0.00
N PHE A 268 -14.51 -21.89 -0.22
CA PHE A 268 -14.89 -21.01 0.87
C PHE A 268 -15.76 -21.74 1.90
N GLN A 269 -16.68 -22.57 1.43
CA GLN A 269 -17.55 -23.33 2.32
C GLN A 269 -16.71 -24.19 3.26
N ARG A 270 -15.68 -24.84 2.71
CA ARG A 270 -14.82 -25.70 3.49
C ARG A 270 -13.79 -24.95 4.33
N GLN A 271 -13.16 -23.92 3.78
CA GLN A 271 -12.04 -23.29 4.48
C GLN A 271 -12.41 -22.04 5.27
N PHE A 272 -13.45 -21.33 4.82
CA PHE A 272 -13.89 -20.10 5.47
C PHE A 272 -15.39 -20.14 5.73
N PRO A 273 -15.83 -21.14 6.51
CA PRO A 273 -17.25 -21.45 6.71
C PRO A 273 -18.09 -20.26 7.15
N ASP A 274 -17.54 -19.41 8.02
CA ASP A 274 -18.34 -18.30 8.54
C ASP A 274 -18.26 -17.09 7.61
N LEU A 275 -17.34 -17.11 6.65
CA LEU A 275 -17.25 -16.01 5.69
C LEU A 275 -18.04 -16.26 4.41
N SER A 276 -18.08 -17.52 3.98
CA SER A 276 -18.82 -17.91 2.77
C SER A 276 -20.25 -17.36 2.68
N PRO A 277 -21.05 -17.44 3.78
CA PRO A 277 -22.44 -16.92 3.68
C PRO A 277 -22.54 -15.44 3.35
N MET A 278 -21.53 -14.67 3.73
CA MET A 278 -21.53 -13.22 3.51
C MET A 278 -21.14 -12.83 2.09
N LEU A 279 -20.66 -13.81 1.33
CA LEU A 279 -20.15 -13.55 -0.01
C LEU A 279 -21.16 -13.95 -1.07
N ASP A 280 -22.18 -13.11 -1.27
CA ASP A 280 -23.30 -13.52 -2.12
C ASP A 280 -22.95 -13.61 -3.60
N SER A 281 -22.08 -12.73 -4.07
CA SER A 281 -21.74 -12.71 -5.48
C SER A 281 -20.38 -13.40 -5.72
N LEU A 282 -20.04 -14.34 -4.83
CA LEU A 282 -18.74 -14.99 -4.86
C LEU A 282 -18.47 -15.63 -6.23
N GLU A 283 -19.39 -16.47 -6.68
CA GLU A 283 -19.24 -17.14 -7.98
C GLU A 283 -19.03 -16.09 -9.09
N GLN A 284 -19.93 -15.12 -9.17
CA GLN A 284 -19.80 -13.98 -10.08
C GLN A 284 -18.43 -13.30 -9.96
N ASP A 285 -18.10 -12.84 -8.75
CA ASP A 285 -16.88 -12.08 -8.52
C ASP A 285 -15.62 -12.87 -8.84
N PHE A 286 -15.68 -14.18 -8.64
CA PHE A 286 -14.49 -14.98 -8.79
C PHE A 286 -14.10 -15.11 -10.25
N GLU A 287 -15.10 -15.26 -11.10
CA GLU A 287 -14.86 -15.52 -12.53
C GLU A 287 -14.56 -14.27 -13.34
N HIS A 288 -15.00 -13.12 -12.86
CA HIS A 288 -14.80 -11.88 -13.59
C HIS A 288 -13.53 -11.18 -13.16
N HIS A 289 -13.39 -10.95 -11.86
CA HIS A 289 -12.24 -10.23 -11.33
C HIS A 289 -10.98 -11.05 -11.62
N PRO A 290 -10.01 -10.43 -12.30
CA PRO A 290 -8.77 -11.13 -12.63
C PRO A 290 -7.99 -11.47 -11.36
N THR A 291 -7.18 -12.52 -11.41
CA THR A 291 -6.33 -12.86 -10.28
C THR A 291 -5.09 -11.96 -10.31
N GLY A 292 -4.92 -11.17 -9.26
CA GLY A 292 -3.82 -10.23 -9.20
C GLY A 292 -2.52 -10.91 -8.83
N LYS A 293 -1.41 -10.29 -9.21
CA LYS A 293 -0.09 -10.84 -8.91
C LYS A 293 0.56 -10.07 -7.78
N LEU A 294 1.44 -10.73 -7.05
CA LEU A 294 2.21 -10.08 -6.01
C LEU A 294 3.65 -9.97 -6.49
N ALA A 295 4.20 -8.76 -6.46
CA ALA A 295 5.59 -8.60 -6.90
C ALA A 295 6.24 -7.37 -6.27
N THR A 296 7.56 -7.40 -6.23
CA THR A 296 8.35 -6.26 -5.78
C THR A 296 9.23 -5.83 -6.93
N LEU A 297 9.18 -4.57 -7.30
CA LEU A 297 10.06 -4.11 -8.36
C LEU A 297 10.96 -3.05 -7.76
N ARG A 298 12.27 -3.21 -7.94
CA ARG A 298 13.19 -2.22 -7.41
C ARG A 298 13.99 -1.61 -8.55
N LEU A 299 14.21 -0.29 -8.46
CA LEU A 299 15.00 0.42 -9.45
C LEU A 299 16.14 1.13 -8.77
N THR A 300 17.24 1.31 -9.49
CA THR A 300 18.38 2.02 -8.93
C THR A 300 18.19 3.50 -9.21
N THR A 301 17.38 3.81 -10.21
CA THR A 301 17.22 5.21 -10.59
C THR A 301 15.77 5.55 -10.94
N TRP A 302 15.31 6.69 -10.45
CA TRP A 302 13.91 7.09 -10.56
C TRP A 302 13.70 8.26 -11.49
N HIS A 303 14.79 8.82 -12.01
CA HIS A 303 14.63 9.98 -12.86
C HIS A 303 15.63 10.02 -14.02
N VAL A 304 15.23 10.72 -15.07
CA VAL A 304 16.08 11.02 -16.22
C VAL A 304 16.40 12.50 -16.18
N GLY A 305 17.57 12.85 -15.62
CA GLY A 305 17.99 14.23 -15.51
C GLY A 305 16.93 15.13 -14.89
N GLY A 306 16.52 16.15 -15.62
CA GLY A 306 15.46 17.03 -15.16
C GLY A 306 14.15 16.86 -15.91
N GLN A 307 14.10 15.86 -16.80
CA GLN A 307 12.97 15.65 -17.69
C GLN A 307 11.83 14.80 -17.14
N ALA A 308 12.15 13.78 -16.34
CA ALA A 308 11.11 12.89 -15.83
C ALA A 308 11.49 12.25 -14.51
N VAL A 309 10.48 11.94 -13.69
CA VAL A 309 10.68 11.26 -12.40
C VAL A 309 9.51 10.31 -12.15
N LEU A 310 9.78 9.22 -11.42
CA LEU A 310 8.72 8.28 -11.04
C LEU A 310 8.31 8.50 -9.56
N LEU A 311 7.02 8.31 -9.27
CA LEU A 311 6.40 8.56 -7.97
C LEU A 311 5.53 7.35 -7.60
N GLY A 312 5.51 6.95 -6.33
CA GLY A 312 4.53 5.95 -5.88
C GLY A 312 4.75 4.55 -6.47
N ASP A 313 3.67 3.84 -6.80
CA ASP A 313 3.78 2.47 -7.35
C ASP A 313 4.59 2.42 -8.66
N ALA A 314 4.66 3.53 -9.38
CA ALA A 314 5.42 3.58 -10.61
C ALA A 314 6.92 3.42 -10.32
N ALA A 315 7.34 3.94 -9.16
CA ALA A 315 8.75 3.88 -8.73
C ALA A 315 9.07 2.63 -7.94
N HIS A 316 8.09 2.11 -7.20
CA HIS A 316 8.41 1.05 -6.26
C HIS A 316 7.23 0.12 -5.91
N PRO A 317 6.79 -0.69 -6.89
CA PRO A 317 5.79 -1.74 -6.65
C PRO A 317 6.17 -2.58 -5.46
N MET A 318 5.24 -2.81 -4.55
CA MET A 318 5.54 -3.64 -3.38
C MET A 318 4.39 -4.60 -3.10
N VAL A 319 4.65 -5.64 -2.31
CA VAL A 319 3.56 -6.55 -1.94
C VAL A 319 2.60 -5.85 -0.98
N PRO A 320 1.30 -6.19 -1.06
CA PRO A 320 0.40 -5.40 -0.20
C PRO A 320 0.20 -6.07 1.14
N PHE A 321 1.23 -6.12 1.98
CA PHE A 321 1.08 -6.83 3.24
C PHE A 321 1.37 -6.05 4.51
N HIS A 322 1.71 -4.80 4.39
CA HIS A 322 1.88 -3.99 5.60
C HIS A 322 0.86 -2.85 5.54
N GLY A 323 0.04 -2.88 4.48
CA GLY A 323 -0.98 -1.85 4.29
C GLY A 323 -0.39 -0.46 4.16
N GLN A 324 0.67 -0.32 3.37
CA GLN A 324 1.41 0.96 3.36
C GLN A 324 1.66 1.55 1.98
N GLY A 325 1.28 0.83 0.92
CA GLY A 325 1.51 1.32 -0.45
C GLY A 325 0.96 2.71 -0.75
N MET A 326 -0.32 2.91 -0.52
CA MET A 326 -0.93 4.22 -0.64
C MET A 326 -0.30 5.23 0.35
N ASN A 327 -0.06 4.78 1.58
CA ASN A 327 0.56 5.67 2.56
C ASN A 327 1.94 6.15 2.09
N CYS A 328 2.73 5.24 1.53
CA CYS A 328 4.02 5.59 0.92
C CYS A 328 3.84 6.55 -0.27
N ALA A 329 2.86 6.26 -1.12
CA ALA A 329 2.64 7.09 -2.31
C ALA A 329 2.30 8.52 -1.93
N LEU A 330 1.50 8.70 -0.87
CA LEU A 330 1.10 10.04 -0.42
C LEU A 330 2.31 10.77 0.17
N GLU A 331 3.12 10.05 0.96
CA GLU A 331 4.39 10.60 1.46
C GLU A 331 5.32 11.02 0.32
N ASP A 332 5.44 10.16 -0.71
CA ASP A 332 6.21 10.48 -1.91
C ASP A 332 5.80 11.82 -2.52
N ALA A 333 4.50 12.02 -2.71
CA ALA A 333 3.97 13.24 -3.33
C ALA A 333 4.41 14.46 -2.55
N VAL A 334 4.28 14.40 -1.22
CA VAL A 334 4.67 15.52 -0.38
C VAL A 334 6.14 15.80 -0.59
N ALA A 335 6.95 14.73 -0.56
CA ALA A 335 8.40 14.88 -0.71
C ALA A 335 8.80 15.45 -2.07
N LEU A 336 8.17 14.99 -3.13
CA LEU A 336 8.51 15.45 -4.45
C LEU A 336 8.20 16.94 -4.62
N ALA A 337 7.04 17.38 -4.13
CA ALA A 337 6.70 18.81 -4.22
C ALA A 337 7.61 19.68 -3.32
N GLU A 338 7.94 19.19 -2.12
CA GLU A 338 8.92 19.87 -1.27
C GLU A 338 10.25 20.10 -2.01
N HIS A 339 10.80 19.06 -2.63
CA HIS A 339 12.07 19.22 -3.34
C HIS A 339 11.99 20.12 -4.58
N LEU A 340 10.90 20.02 -5.32
CA LEU A 340 10.72 20.84 -6.51
C LEU A 340 10.66 22.34 -6.16
N GLN A 341 10.26 22.66 -4.93
CA GLN A 341 10.21 24.05 -4.50
C GLN A 341 11.53 24.57 -3.95
N SER A 342 12.22 23.75 -3.15
CA SER A 342 13.41 24.19 -2.43
C SER A 342 14.73 23.95 -3.16
N ALA A 343 14.70 23.36 -4.35
CA ALA A 343 15.92 23.06 -5.08
C ALA A 343 16.31 24.12 -6.11
N ALA A 344 17.55 24.04 -6.57
CA ALA A 344 18.11 24.99 -7.55
C ALA A 344 17.46 24.83 -8.93
N ASP A 345 17.56 23.63 -9.49
CA ASP A 345 16.88 23.32 -10.74
C ASP A 345 16.12 22.00 -10.64
N ASN A 346 15.38 21.65 -11.69
CA ASN A 346 14.59 20.43 -11.68
C ASN A 346 15.44 19.16 -11.55
N ALA A 347 16.53 19.08 -12.29
CA ALA A 347 17.44 17.92 -12.21
C ALA A 347 17.95 17.69 -10.78
N SER A 348 18.33 18.77 -10.09
CA SER A 348 18.73 18.68 -8.69
C SER A 348 17.59 18.25 -7.78
N ALA A 349 16.40 18.77 -8.04
CA ALA A 349 15.22 18.40 -7.27
C ALA A 349 14.97 16.90 -7.34
N LEU A 350 15.03 16.36 -8.56
CA LEU A 350 14.69 14.96 -8.81
C LEU A 350 15.74 14.05 -8.21
N ALA A 351 16.99 14.46 -8.30
CA ALA A 351 18.10 13.72 -7.67
C ALA A 351 17.95 13.67 -6.16
N ALA A 352 17.65 14.82 -5.57
CA ALA A 352 17.47 14.96 -4.14
C ALA A 352 16.24 14.19 -3.64
N PHE A 353 15.17 14.26 -4.42
CA PHE A 353 13.97 13.48 -4.12
C PHE A 353 14.27 11.98 -4.10
N THR A 354 14.96 11.50 -5.12
CA THR A 354 15.31 10.09 -5.19
C THR A 354 16.21 9.68 -4.00
N ALA A 355 17.19 10.52 -3.69
CA ALA A 355 18.09 10.23 -2.57
C ALA A 355 17.34 10.13 -1.23
N GLN A 356 16.29 10.94 -1.06
CA GLN A 356 15.51 10.90 0.17
C GLN A 356 14.62 9.65 0.23
N ARG A 357 13.86 9.42 -0.84
CA ARG A 357 12.76 8.47 -0.76
C ARG A 357 13.11 7.06 -1.20
N GLN A 358 14.17 6.88 -1.98
CA GLN A 358 14.52 5.53 -2.39
C GLN A 358 14.95 4.61 -1.21
N PRO A 359 15.73 5.12 -0.23
CA PRO A 359 15.97 4.33 0.97
C PRO A 359 14.71 3.95 1.75
N ASP A 360 13.77 4.88 1.85
CA ASP A 360 12.50 4.60 2.52
C ASP A 360 11.72 3.54 1.74
N ALA A 361 11.73 3.65 0.42
CA ALA A 361 11.00 2.70 -0.43
C ALA A 361 11.56 1.30 -0.30
N LEU A 362 12.88 1.15 -0.39
CA LEU A 362 13.50 -0.17 -0.22
C LEU A 362 13.13 -0.75 1.13
N ALA A 363 13.11 0.08 2.16
CA ALA A 363 12.80 -0.37 3.50
C ALA A 363 11.38 -0.91 3.62
N ILE A 364 10.39 -0.14 3.14
CA ILE A 364 9.03 -0.63 3.30
C ILE A 364 8.80 -1.81 2.38
N GLN A 365 9.47 -1.86 1.22
CA GLN A 365 9.37 -3.01 0.35
C GLN A 365 9.84 -4.26 1.11
N ALA A 366 10.94 -4.13 1.82
CA ALA A 366 11.44 -5.25 2.61
C ALA A 366 10.51 -5.59 3.79
N MET A 367 10.03 -4.57 4.51
CA MET A 367 9.19 -4.82 5.68
C MET A 367 7.84 -5.45 5.29
N ALA A 368 7.34 -5.03 4.13
CA ALA A 368 6.13 -5.61 3.57
C ALA A 368 6.34 -7.11 3.27
N LEU A 369 7.48 -7.44 2.68
CA LEU A 369 7.81 -8.84 2.38
C LEU A 369 7.94 -9.67 3.66
N GLU A 370 8.45 -9.05 4.72
CA GLU A 370 8.61 -9.77 5.99
C GLU A 370 7.24 -10.08 6.59
N ASN A 371 6.29 -9.16 6.42
CA ASN A 371 4.92 -9.44 6.83
C ASN A 371 4.32 -10.55 5.98
N TYR A 372 4.55 -10.46 4.67
CA TYR A 372 4.08 -11.47 3.72
C TYR A 372 4.52 -12.89 4.06
N VAL A 373 5.80 -13.07 4.40
CA VAL A 373 6.35 -14.41 4.56
C VAL A 373 5.77 -15.13 5.78
N GLU A 374 5.25 -14.36 6.74
CA GLU A 374 4.56 -14.93 7.90
C GLU A 374 3.26 -15.62 7.53
N MET A 375 2.71 -15.31 6.36
CA MET A 375 1.54 -16.02 5.88
C MET A 375 1.98 -17.41 5.47
N SER A 376 2.07 -18.27 6.48
CA SER A 376 2.59 -19.61 6.30
C SER A 376 1.89 -20.59 7.25
N SER A 377 1.72 -21.83 6.78
CA SER A 377 1.19 -22.88 7.64
C SER A 377 2.33 -23.56 8.41
N LYS A 378 3.57 -23.19 8.09
CA LYS A 378 4.71 -23.66 8.87
C LYS A 378 4.56 -23.18 10.30
N VAL A 379 4.85 -24.06 11.25
CA VAL A 379 4.80 -23.68 12.66
C VAL A 379 5.90 -22.65 12.93
N ALA A 380 5.53 -21.56 13.59
CA ALA A 380 6.48 -20.49 13.91
C ALA A 380 7.59 -21.02 14.79
N SER A 381 8.84 -20.67 14.46
CA SER A 381 9.97 -21.15 15.23
C SER A 381 9.89 -20.58 16.64
N PRO A 382 10.13 -21.42 17.65
CA PRO A 382 10.04 -21.00 19.05
C PRO A 382 11.00 -19.86 19.35
N THR A 383 12.05 -19.73 18.54
CA THR A 383 12.97 -18.60 18.63
C THR A 383 12.23 -17.29 18.38
N TYR A 384 11.57 -17.22 17.22
CA TYR A 384 10.83 -16.04 16.80
C TYR A 384 9.73 -15.68 17.80
N LEU A 385 9.09 -16.69 18.34
CA LEU A 385 8.02 -16.48 19.32
C LEU A 385 8.55 -15.89 20.62
N LEU A 386 9.65 -16.44 21.13
CA LEU A 386 10.22 -15.94 22.36
C LEU A 386 10.71 -14.51 22.16
N GLU A 387 11.34 -14.27 21.01
CA GLU A 387 11.77 -12.91 20.64
C GLU A 387 10.63 -11.90 20.73
N ARG A 388 9.49 -12.24 20.16
CA ARG A 388 8.40 -11.27 20.09
C ARG A 388 7.83 -11.03 21.48
N GLU A 389 7.73 -12.11 22.23
CA GLU A 389 7.28 -12.05 23.61
C GLU A 389 8.26 -11.23 24.47
N LEU A 390 9.55 -11.41 24.26
CA LEU A 390 10.55 -10.62 25.00
C LEU A 390 10.49 -9.15 24.58
N GLY A 391 10.32 -8.92 23.28
CA GLY A 391 10.19 -7.56 22.77
C GLY A 391 9.03 -6.81 23.39
N GLN A 392 7.91 -7.50 23.60
CA GLN A 392 6.72 -6.92 24.20
C GLN A 392 7.00 -6.41 25.63
N ILE A 393 7.72 -7.23 26.39
CA ILE A 393 8.13 -6.88 27.74
C ILE A 393 9.02 -5.65 27.74
N MET A 394 10.06 -5.65 26.90
CA MET A 394 10.99 -4.54 26.84
C MET A 394 10.30 -3.23 26.49
N ALA A 395 9.39 -3.29 25.51
CA ALA A 395 8.60 -2.13 25.09
C ALA A 395 7.73 -1.60 26.24
N GLN A 396 7.21 -2.51 27.05
CA GLN A 396 6.46 -2.12 28.23
C GLN A 396 7.32 -1.36 29.25
N ARG A 397 8.52 -1.89 29.50
CA ARG A 397 9.42 -1.31 30.49
C ARG A 397 10.05 0.01 30.02
N GLN A 398 10.31 0.13 28.72
CA GLN A 398 10.90 1.35 28.19
C GLN A 398 10.18 1.79 26.93
N PRO A 399 8.94 2.26 27.10
CA PRO A 399 8.12 2.68 25.95
C PRO A 399 8.83 3.82 25.22
N THR A 400 9.70 4.49 25.98
CA THR A 400 10.77 5.37 25.51
C THR A 400 11.41 4.96 24.19
N ARG A 401 12.21 3.89 24.30
CA ARG A 401 13.17 3.47 23.29
C ARG A 401 12.70 2.27 22.49
N PHE A 402 12.35 1.19 23.19
CA PHE A 402 11.99 -0.03 22.51
C PHE A 402 10.59 0.07 21.97
N ILE A 403 10.48 0.45 20.70
CA ILE A 403 9.21 0.54 20.00
C ILE A 403 9.15 -0.55 18.96
N PRO A 404 8.16 -1.45 19.06
CA PRO A 404 8.00 -2.55 18.10
C PRO A 404 7.94 -1.99 16.69
N ARG A 405 8.60 -2.66 15.74
CA ARG A 405 8.75 -2.10 14.40
C ARG A 405 7.41 -1.82 13.69
N TYR A 406 6.45 -2.71 13.86
CA TYR A 406 5.14 -2.57 13.21
C TYR A 406 4.47 -1.28 13.69
N SER A 407 4.70 -0.95 14.95
CA SER A 407 4.12 0.24 15.53
C SER A 407 4.81 1.49 14.99
N MET A 408 6.11 1.43 14.75
CA MET A 408 6.86 2.52 14.13
C MET A 408 6.37 2.77 12.71
N VAL A 409 6.10 1.69 11.99
CA VAL A 409 5.67 1.81 10.59
C VAL A 409 4.24 2.32 10.51
N THR A 410 3.34 1.65 11.22
CA THR A 410 1.92 1.86 11.06
C THR A 410 1.40 3.04 11.88
N PHE A 411 1.98 3.31 13.05
CA PHE A 411 1.42 4.29 13.94
C PHE A 411 2.32 5.48 14.26
N SER A 412 3.35 5.69 13.45
CA SER A 412 4.18 6.88 13.59
C SER A 412 4.49 7.46 12.23
N ARG A 413 5.19 8.58 12.21
CA ARG A 413 5.63 9.19 10.96
C ARG A 413 7.12 9.03 10.78
N LEU A 414 7.75 8.19 11.59
CA LEU A 414 9.18 7.93 11.44
C LEU A 414 9.43 7.39 10.06
N PRO A 415 10.42 7.94 9.34
CA PRO A 415 10.73 7.49 7.99
C PRO A 415 10.98 5.98 7.99
N TYR A 416 10.50 5.30 6.94
CA TYR A 416 10.60 3.83 6.87
C TYR A 416 12.03 3.33 7.10
N ALA A 417 13.00 4.02 6.49
CA ALA A 417 14.39 3.59 6.57
C ALA A 417 14.87 3.59 8.01
N GLN A 418 14.39 4.54 8.80
CA GLN A 418 14.80 4.64 10.19
C GLN A 418 14.04 3.65 11.06
N ALA A 419 12.80 3.33 10.71
CA ALA A 419 12.07 2.27 11.40
C ALA A 419 12.74 0.93 11.14
N MET A 420 13.24 0.74 9.91
CA MET A 420 13.87 -0.52 9.56
C MET A 420 15.21 -0.65 10.28
N ALA A 421 15.90 0.47 10.44
CA ALA A 421 17.19 0.48 11.13
C ALA A 421 17.04 0.22 12.62
N ARG A 422 16.11 0.92 13.29
CA ARG A 422 15.88 0.67 14.71
C ARG A 422 15.39 -0.75 14.91
N GLY A 423 14.57 -1.23 13.99
CA GLY A 423 14.07 -2.59 14.05
C GLY A 423 15.20 -3.62 13.98
N GLN A 424 16.23 -3.31 13.20
CA GLN A 424 17.37 -4.21 13.06
C GLN A 424 18.12 -4.28 14.39
N ILE A 425 18.41 -3.12 14.98
CA ILE A 425 19.07 -3.04 16.29
C ILE A 425 18.29 -3.80 17.34
N GLN A 426 16.98 -3.64 17.32
CA GLN A 426 16.08 -4.29 18.26
C GLN A 426 15.97 -5.82 18.06
N GLU A 427 15.80 -6.26 16.82
CA GLU A 427 15.70 -7.70 16.55
C GLU A 427 17.01 -8.40 16.95
N GLN A 428 18.13 -7.74 16.66
CA GLN A 428 19.46 -8.29 16.99
C GLN A 428 19.65 -8.48 18.50
N LEU A 429 19.29 -7.45 19.26
CA LEU A 429 19.30 -7.54 20.71
C LEU A 429 18.41 -8.69 21.21
N LEU A 430 17.20 -8.77 20.69
CA LEU A 430 16.29 -9.83 21.09
C LEU A 430 16.86 -11.20 20.77
N LYS A 431 17.49 -11.34 19.61
CA LYS A 431 17.97 -12.66 19.20
C LYS A 431 19.14 -13.16 20.07
N PHE A 432 20.08 -12.28 20.39
CA PHE A 432 21.23 -12.68 21.21
C PHE A 432 20.74 -13.00 22.63
N ALA A 433 19.66 -12.34 23.06
CA ALA A 433 19.14 -12.51 24.40
C ALA A 433 18.34 -13.80 24.56
N VAL A 434 17.70 -14.22 23.47
CA VAL A 434 16.78 -15.36 23.51
C VAL A 434 17.51 -16.67 23.20
N ALA A 435 18.59 -16.58 22.44
CA ALA A 435 19.36 -17.75 22.02
C ALA A 435 19.65 -18.69 23.20
N ASN A 436 19.41 -19.98 22.99
CA ASN A 436 19.47 -20.97 24.07
C ASN A 436 18.69 -20.58 25.33
N ASP A 439 12.64 -21.33 26.63
CA ASP A 439 11.64 -20.64 27.44
C ASP A 439 12.18 -19.33 28.06
N LEU A 440 11.26 -18.43 28.41
CA LEU A 440 11.58 -17.10 28.91
C LEU A 440 11.96 -16.99 30.39
N THR A 441 11.60 -17.99 31.19
CA THR A 441 11.80 -17.92 32.64
C THR A 441 13.27 -17.86 33.03
N SER A 442 14.14 -18.35 32.15
CA SER A 442 15.58 -18.33 32.42
C SER A 442 16.22 -17.00 32.00
N ILE A 443 15.45 -16.16 31.32
CA ILE A 443 16.00 -14.91 30.81
C ILE A 443 15.94 -13.79 31.83
N ASN A 444 17.10 -13.22 32.09
CA ASN A 444 17.26 -12.12 33.04
C ASN A 444 16.80 -10.79 32.44
N LEU A 445 15.58 -10.37 32.76
CA LEU A 445 15.00 -9.18 32.14
C LEU A 445 15.72 -7.88 32.51
N ASP A 446 16.46 -7.91 33.63
CA ASP A 446 17.27 -6.77 34.04
C ASP A 446 18.52 -6.67 33.18
N ALA A 447 19.12 -7.81 32.88
CA ALA A 447 20.29 -7.84 32.01
C ALA A 447 19.91 -7.35 30.61
N VAL A 448 18.72 -7.73 30.16
CA VAL A 448 18.26 -7.35 28.82
C VAL A 448 17.96 -5.87 28.75
N GLU A 449 17.28 -5.37 29.78
CA GLU A 449 17.00 -3.95 29.86
C GLU A 449 18.31 -3.16 29.90
N HIS A 450 19.35 -3.69 30.52
CA HIS A 450 20.63 -2.98 30.51
C HIS A 450 21.16 -2.86 29.07
N GLU A 451 21.11 -3.96 28.33
CA GLU A 451 21.52 -3.95 26.92
C GLU A 451 20.64 -3.02 26.09
N VAL A 452 19.36 -2.92 26.43
CA VAL A 452 18.48 -2.03 25.70
C VAL A 452 18.92 -0.58 25.88
N THR A 453 19.28 -0.20 27.09
CA THR A 453 19.71 1.17 27.32
C THR A 453 21.12 1.43 26.78
N ARG A 454 21.94 0.39 26.73
CA ARG A 454 23.31 0.56 26.22
C ARG A 454 23.32 0.65 24.69
N CYS A 455 22.47 -0.14 24.03
CA CYS A 455 22.53 -0.32 22.58
C CYS A 455 21.51 0.50 21.76
N LEU A 456 20.39 0.83 22.37
CA LEU A 456 19.30 1.45 21.62
C LEU A 456 19.16 2.89 22.08
N PRO A 457 19.58 3.84 21.25
CA PRO A 457 19.54 5.24 21.69
C PRO A 457 18.08 5.72 21.76
N PRO A 458 17.81 6.72 22.60
CA PRO A 458 16.47 7.32 22.63
C PRO A 458 16.15 7.96 21.29
N LEU A 459 14.88 8.22 21.02
CA LEU A 459 14.47 8.79 19.75
C LEU A 459 15.05 10.19 19.53
N SER A 460 15.51 10.83 20.61
CA SER A 460 16.00 12.20 20.53
C SER A 460 17.51 12.34 20.27
N HIS A 461 18.08 11.39 19.52
CA HIS A 461 19.50 11.47 19.17
C HIS A 461 19.74 11.61 17.66
PA FAD B . -2.40 4.26 -8.47
O1A FAD B . -3.28 4.53 -7.33
O2A FAD B . -2.53 2.84 -8.97
O5B FAD B . -2.62 5.35 -9.60
C5B FAD B . -2.15 5.13 -10.95
C4B FAD B . -3.11 5.90 -11.84
O4B FAD B . -2.54 6.04 -13.17
C3B FAD B . -4.48 5.27 -12.01
O3B FAD B . -5.48 6.27 -11.89
C2B FAD B . -4.41 4.67 -13.44
O2B FAD B . -5.71 4.67 -14.05
C1B FAD B . -3.51 5.68 -14.12
N9A FAD B . -2.81 5.17 -15.30
C8A FAD B . -2.17 3.96 -15.44
N7A FAD B . -1.56 3.80 -16.58
C5A FAD B . -1.83 4.98 -17.26
C6A FAD B . -1.46 5.44 -18.55
N6A FAD B . -0.77 4.70 -19.43
N1A FAD B . -1.86 6.67 -18.90
C2A FAD B . -2.60 7.39 -18.04
N3A FAD B . -3.02 7.06 -16.82
C4A FAD B . -2.60 5.83 -16.49
N1 FAD B . -2.00 0.60 0.27
C2 FAD B . -2.26 1.13 1.49
O2 FAD B . -1.58 2.07 1.94
N3 FAD B . -3.22 0.56 2.28
C4 FAD B . -3.93 -0.59 2.00
O4 FAD B . -4.76 -1.04 2.80
C4X FAD B . -3.60 -1.19 0.74
N5 FAD B . -4.19 -2.30 0.42
C5X FAD B . -3.93 -2.83 -0.84
C6 FAD B . -4.53 -4.04 -1.20
C7 FAD B . -4.25 -4.64 -2.43
C7M FAD B . -4.87 -5.97 -2.77
C8 FAD B . -3.39 -4.00 -3.33
C8M FAD B . -3.08 -4.61 -4.67
C9 FAD B . -2.82 -2.77 -2.98
C9A FAD B . -3.07 -2.20 -1.75
N10 FAD B . -2.43 -1.03 -1.31
C10 FAD B . -2.65 -0.50 -0.08
C1' FAD B . -1.46 -0.36 -2.19
C2' FAD B . -2.10 0.80 -2.96
O2' FAD B . -3.23 0.37 -3.72
C3' FAD B . -1.09 1.43 -3.91
O3' FAD B . 0.20 1.43 -3.34
C4' FAD B . -1.42 2.86 -4.35
O4' FAD B . -2.69 2.85 -4.98
C5' FAD B . -0.40 3.42 -5.32
O5' FAD B . -0.76 4.81 -5.51
P FAD B . -0.29 5.43 -6.94
O1P FAD B . -0.84 6.79 -7.14
O2P FAD B . 1.24 5.33 -7.01
O3P FAD B . -0.88 4.44 -8.02
C10 7ZR C . -1.12 -4.35 14.10
C15 7ZR C . -0.69 -4.19 8.67
C20 7ZR C . -3.28 -4.00 5.92
C21 7ZR C . -2.89 -4.99 5.11
C22 7ZR C . -3.62 -5.20 3.96
C24 7ZR C . -5.11 -3.43 4.54
N26 7ZR C . -3.27 -6.24 3.05
O28 7ZR C . -3.71 -6.19 1.90
C01 7ZR C . -3.30 -6.53 15.44
O02 7ZR C . -1.98 -6.03 15.53
C03 7ZR C . -1.31 -5.70 14.38
C04 7ZR C . -0.79 -6.68 13.55
O05 7ZR C . -0.98 -8.10 13.83
C06 7ZR C . -0.65 -8.94 12.73
C07 7ZR C . -0.08 -6.31 12.39
C08 7ZR C . 0.08 -4.97 12.11
C09 7ZR C . -0.42 -3.99 12.97
S11 7ZR C . 1.02 -4.43 10.65
O12 7ZR C . 2.41 -4.93 10.69
O13 7ZR C . 1.19 -3.04 10.76
N14 7ZR C . 0.42 -4.85 9.14
N16 7ZR C . -1.29 -4.61 7.49
C17 7ZR C . -2.45 -3.75 7.21
C18 7ZR C . -2.62 -2.72 8.22
S19 7ZR C . -1.46 -2.90 9.37
C23 7ZR C . -4.73 -4.43 3.68
C25 7ZR C . -4.40 -3.19 5.65
O27 7ZR C . -2.41 -7.32 3.49
C10 7ZR D . 11.87 -7.38 13.07
C15 7ZR D . 8.97 -6.08 17.69
C20 7ZR D . 5.55 -7.67 18.33
C21 7ZR D . 4.94 -7.57 17.13
C22 7ZR D . 3.61 -7.93 16.99
C24 7ZR D . 3.56 -8.49 19.36
N26 7ZR D . 2.91 -7.83 15.70
O28 7ZR D . 1.69 -7.86 15.67
C01 7ZR D . 11.78 -9.25 11.14
O02 7ZR D . 11.77 -9.69 12.50
C03 7ZR D . 11.66 -8.70 13.43
C04 7ZR D . 11.36 -9.04 14.75
O05 7ZR D . 11.14 -10.44 15.14
C06 7ZR D . 11.05 -10.68 16.52
C07 7ZR D . 11.25 -8.03 15.71
C08 7ZR D . 11.47 -6.72 15.33
C09 7ZR D . 11.77 -6.38 14.02
S11 7ZR D . 11.31 -5.43 16.59
O12 7ZR D . 11.86 -4.14 16.14
O13 7ZR D . 12.02 -5.74 17.77
N14 7ZR D . 9.68 -5.23 16.87
N16 7ZR D . 7.63 -6.34 17.43
C17 7ZR D . 7.07 -7.25 18.42
C18 7ZR D . 8.08 -7.63 19.41
S19 7ZR D . 9.50 -6.90 19.03
C23 7ZR D . 2.93 -8.38 18.12
C25 7ZR D . 4.86 -8.15 19.48
O27 7ZR D . 3.60 -7.70 14.42
#